data_7N4M
#
_entry.id   7N4M
#
_cell.length_a   112.913
_cell.length_b   112.913
_cell.length_c   239.508
_cell.angle_alpha   90.000
_cell.angle_beta   90.000
_cell.angle_gamma   90.000
#
_symmetry.space_group_name_H-M   'P 43 21 2'
#
loop_
_entity.id
_entity.type
_entity.pdbx_description
1 polymer 'WRAIR-2151 antibody Fab heavy chain'
2 polymer 'Spike protein S1'
3 polymer 'WRAIR-2151 antibody Fab light chain'
4 branched 2-acetamido-2-deoxy-beta-D-glucopyranose-(1-4)-2-acetamido-2-deoxy-beta-D-glucopyranose
#
loop_
_entity_poly.entity_id
_entity_poly.type
_entity_poly.pdbx_seq_one_letter_code
_entity_poly.pdbx_strand_id
1 'polypeptide(L)'
;QVQLQESGPRLVKPSETLSLTCTVSGGSISGSNYFWGWIRQPPGKGLEWIGTIYYGGSTYYNPSLKSRVTISVDTSENQF
SLKLSSVTAADTAVYYCANLAWLRGYFDYWGQGTLVTVSSASTKGPSVFPLAPSSKSTSGGTAALGCLVKDYFPEPVTVS
WNSGALTSGVHTFPAVLQSSGLYSLSSVVTVPSSSLGTQTYICNVNHKPSNTKVDKRVEPKSCDK
;
H
2 'polypeptide(L)'
;NITNLCPFGEVFNATRFASVYAWNRKRISNCVADYSVLYNSASFSTFKCYGVSPTKLNDLCFTNVYADSFVIRGDEVRQI
APGQTGKIADYNYKLPDDFTGCVIAWNSNNLDSKVGGNYNYLYRLFRKSNLKPFERDISTEIYQAGSTPCNGVEGFNCYF
PLQSYGFQPTNGVGYQPYRVVVLSFELLHAPATVCGPGSHHHHHH
;
A
3 'polypeptide(L)'
;NFMLTQPHSVSESPGKTVTISCTRSSGSIASNYVQWYQQRPGSAPTTVIYEDNQRPSGVPDRFSGSIDSSSNSVSLTISG
LKTEDEADYYCQSYDSSNWVFGGGTKLTVLGQPKAAPSVTLFPPSSEELQANKATLVCLISDFYPGAVTVAWKADSSPVK
AGVETTTPSKQSNNKYAASSYLSLTPEQWKSHRSYSCQVTHEGSTVEKTVAPTECS
;
L
#
loop_
_chem_comp.id
_chem_comp.type
_chem_comp.name
_chem_comp.formula
NAG D-saccharide, beta linking 2-acetamido-2-deoxy-beta-D-glucopyranose 'C8 H15 N O6'
#
# COMPACT_ATOMS: atom_id res chain seq x y z
N VAL A 2 1.02 -9.95 18.46
CA VAL A 2 0.26 -10.54 19.57
C VAL A 2 -1.24 -10.36 19.34
N GLN A 3 -1.62 -10.02 18.10
CA GLN A 3 -3.02 -9.76 17.79
C GLN A 3 -3.63 -10.78 16.84
N LEU A 4 -3.05 -10.99 15.66
CA LEU A 4 -3.74 -11.68 14.58
C LEU A 4 -3.16 -13.06 14.32
N GLN A 5 -4.03 -13.96 13.84
CA GLN A 5 -3.66 -15.29 13.40
C GLN A 5 -4.81 -15.86 12.59
N GLU A 6 -4.48 -16.62 11.55
CA GLU A 6 -5.49 -17.12 10.63
C GLU A 6 -6.13 -18.40 11.16
N SER A 7 -7.00 -19.00 10.33
CA SER A 7 -7.75 -20.19 10.68
C SER A 7 -7.11 -21.42 10.04
N GLY A 8 -7.78 -22.56 10.15
CA GLY A 8 -7.23 -23.81 9.68
C GLY A 8 -7.98 -24.60 8.60
N PRO A 9 -9.06 -24.07 7.97
CA PRO A 9 -9.64 -24.89 6.89
C PRO A 9 -8.93 -24.65 5.57
N ARG A 10 -7.78 -25.32 5.41
CA ARG A 10 -6.92 -25.08 4.26
C ARG A 10 -7.53 -25.66 2.98
N LEU A 11 -7.77 -26.97 2.96
CA LEU A 11 -8.22 -27.63 1.74
C LEU A 11 -9.66 -27.25 1.41
N VAL A 12 -9.88 -26.94 0.14
CA VAL A 12 -11.21 -26.61 -0.38
C VAL A 12 -11.37 -27.26 -1.74
N LYS A 13 -12.49 -27.96 -1.93
CA LYS A 13 -12.79 -28.59 -3.21
C LYS A 13 -13.19 -27.52 -4.23
N PRO A 14 -12.75 -27.65 -5.49
CA PRO A 14 -13.11 -26.66 -6.51
C PRO A 14 -14.62 -26.61 -6.74
N SER A 15 -15.07 -25.49 -7.31
CA SER A 15 -16.48 -25.15 -7.55
C SER A 15 -17.30 -25.05 -6.28
N GLU A 16 -16.69 -25.16 -5.11
CA GLU A 16 -17.37 -25.03 -3.83
C GLU A 16 -16.91 -23.73 -3.17
N THR A 17 -17.30 -23.54 -1.91
CA THR A 17 -17.01 -22.30 -1.20
C THR A 17 -15.91 -22.50 -0.18
N LEU A 18 -15.41 -21.37 0.31
CA LEU A 18 -14.30 -21.32 1.26
C LEU A 18 -14.68 -20.42 2.43
N SER A 19 -14.12 -20.73 3.59
CA SER A 19 -14.37 -19.96 4.80
C SER A 19 -13.10 -19.90 5.64
N LEU A 20 -12.71 -18.69 6.02
CA LEU A 20 -11.56 -18.46 6.89
C LEU A 20 -11.94 -17.47 7.98
N THR A 21 -11.25 -17.56 9.11
CA THR A 21 -11.47 -16.67 10.24
C THR A 21 -10.14 -16.17 10.77
N CYS A 22 -10.13 -14.93 11.25
CA CYS A 22 -8.93 -14.26 11.74
C CYS A 22 -9.19 -13.79 13.17
N THR A 23 -8.63 -14.51 14.14
CA THR A 23 -8.84 -14.18 15.55
C THR A 23 -7.94 -13.04 15.97
N VAL A 24 -8.50 -12.11 16.74
CA VAL A 24 -7.79 -10.93 17.23
C VAL A 24 -7.66 -11.08 18.74
N SER A 25 -6.44 -11.24 19.22
CA SER A 25 -6.15 -11.35 20.64
C SER A 25 -5.53 -10.06 21.15
N GLY A 26 -5.82 -9.72 22.40
CA GLY A 26 -5.28 -8.51 23.00
C GLY A 26 -5.83 -7.25 22.35
N GLY A 27 -7.11 -6.98 22.53
CA GLY A 27 -7.74 -5.81 21.95
C GLY A 27 -9.17 -6.07 21.54
N SER A 28 -10.07 -5.18 21.91
CA SER A 28 -11.49 -5.35 21.65
C SER A 28 -11.82 -4.91 20.23
N ILE A 29 -12.32 -5.84 19.42
CA ILE A 29 -12.82 -5.47 18.10
C ILE A 29 -14.06 -4.59 18.24
N SER A 30 -14.78 -4.71 19.37
CA SER A 30 -15.86 -3.78 19.67
C SER A 30 -15.35 -2.35 19.77
N GLY A 31 -14.09 -2.18 20.19
CA GLY A 31 -13.45 -0.88 20.20
C GLY A 31 -13.04 -0.50 18.80
N SER A 32 -14.01 -0.08 17.99
CA SER A 32 -13.80 0.05 16.56
C SER A 32 -12.91 1.24 16.25
N ASN A 33 -11.59 1.00 16.26
CA ASN A 33 -10.61 2.00 15.88
C ASN A 33 -9.64 1.45 14.85
N TYR A 34 -10.02 0.38 14.15
CA TYR A 34 -9.18 -0.25 13.15
C TYR A 34 -10.05 -0.80 12.03
N PHE A 35 -9.49 -0.85 10.83
CA PHE A 35 -10.06 -1.63 9.75
C PHE A 35 -9.43 -3.02 9.75
N TRP A 36 -10.17 -3.98 9.20
CA TRP A 36 -9.76 -5.38 9.18
C TRP A 36 -9.87 -5.90 7.76
N GLY A 37 -8.74 -6.19 7.12
CA GLY A 37 -8.70 -6.55 5.72
C GLY A 37 -8.18 -7.96 5.49
N TRP A 38 -8.36 -8.41 4.25
CA TRP A 38 -7.88 -9.71 3.79
C TRP A 38 -7.03 -9.51 2.54
N ILE A 39 -5.87 -10.16 2.50
CA ILE A 39 -4.94 -10.09 1.38
C ILE A 39 -4.48 -11.49 1.03
N ARG A 40 -4.48 -11.82 -0.26
CA ARG A 40 -4.05 -13.12 -0.73
C ARG A 40 -2.98 -12.95 -1.80
N GLN A 41 -2.24 -14.03 -2.04
CA GLN A 41 -1.23 -14.06 -3.09
C GLN A 41 -0.96 -15.50 -3.54
N PRO A 42 -1.03 -15.78 -4.83
CA PRO A 42 -0.68 -17.11 -5.32
C PRO A 42 0.78 -17.41 -5.05
N PRO A 43 1.19 -18.69 -5.11
CA PRO A 43 2.60 -19.02 -4.84
C PRO A 43 3.55 -18.31 -5.80
N GLY A 44 4.37 -17.41 -5.26
CA GLY A 44 5.30 -16.64 -6.08
C GLY A 44 4.63 -15.60 -6.96
N LYS A 45 3.62 -14.91 -6.44
CA LYS A 45 2.91 -13.88 -7.17
C LYS A 45 2.71 -12.66 -6.27
N GLY A 46 2.01 -11.65 -6.81
CA GLY A 46 1.81 -10.41 -6.09
C GLY A 46 0.61 -10.43 -5.17
N LEU A 47 0.60 -9.47 -4.24
CA LEU A 47 -0.49 -9.34 -3.28
C LEU A 47 -1.73 -8.75 -3.94
N GLU A 48 -2.89 -9.22 -3.54
CA GLU A 48 -4.16 -8.71 -4.03
C GLU A 48 -5.10 -8.47 -2.86
N TRP A 49 -5.69 -7.28 -2.80
CA TRP A 49 -6.63 -6.95 -1.73
C TRP A 49 -7.98 -7.61 -1.98
N ILE A 50 -8.55 -8.18 -0.92
CA ILE A 50 -9.82 -8.88 -1.00
C ILE A 50 -10.96 -8.03 -0.47
N GLY A 51 -10.84 -7.52 0.75
CA GLY A 51 -11.87 -6.68 1.33
C GLY A 51 -11.53 -6.32 2.75
N THR A 52 -12.13 -5.21 3.19
CA THR A 52 -11.96 -4.70 4.54
C THR A 52 -13.30 -4.58 5.23
N ILE A 53 -13.27 -4.47 6.56
CA ILE A 53 -14.49 -4.37 7.36
C ILE A 53 -14.19 -3.51 8.59
N TYR A 54 -15.01 -2.48 8.79
CA TYR A 54 -15.01 -1.71 10.01
C TYR A 54 -16.22 -2.12 10.84
N TYR A 55 -16.03 -2.22 12.16
CA TYR A 55 -17.09 -2.74 13.02
C TYR A 55 -18.36 -1.89 12.96
N GLY A 56 -18.27 -0.67 12.44
CA GLY A 56 -19.46 0.13 12.21
C GLY A 56 -20.41 -0.42 11.18
N GLY A 57 -20.00 -1.48 10.45
CA GLY A 57 -20.83 -2.13 9.47
C GLY A 57 -20.42 -1.88 8.02
N SER A 58 -19.69 -0.78 7.77
CA SER A 58 -19.30 -0.45 6.41
C SER A 58 -18.30 -1.47 5.87
N THR A 59 -18.67 -2.14 4.78
CA THR A 59 -17.83 -3.14 4.15
C THR A 59 -17.32 -2.62 2.81
N TYR A 60 -16.13 -3.07 2.43
CA TYR A 60 -15.53 -2.75 1.14
C TYR A 60 -15.01 -4.05 0.54
N TYR A 61 -15.37 -4.33 -0.71
CA TYR A 61 -14.97 -5.55 -1.38
C TYR A 61 -14.25 -5.22 -2.68
N ASN A 62 -13.41 -6.16 -3.11
CA ASN A 62 -12.71 -6.00 -4.39
C ASN A 62 -13.71 -6.15 -5.53
N PRO A 63 -13.70 -5.26 -6.52
CA PRO A 63 -14.69 -5.35 -7.60
C PRO A 63 -14.63 -6.65 -8.38
N SER A 64 -13.46 -7.25 -8.51
CA SER A 64 -13.35 -8.54 -9.19
C SER A 64 -13.93 -9.68 -8.36
N LEU A 65 -14.25 -9.44 -7.08
CA LEU A 65 -14.74 -10.50 -6.20
C LEU A 65 -16.04 -10.12 -5.50
N LYS A 66 -16.66 -9.00 -5.87
CA LYS A 66 -17.90 -8.60 -5.21
C LYS A 66 -19.03 -9.60 -5.43
N SER A 67 -18.93 -10.45 -6.43
CA SER A 67 -19.96 -11.46 -6.69
C SER A 67 -19.80 -12.71 -5.84
N ARG A 68 -18.61 -12.93 -5.26
CA ARG A 68 -18.33 -14.15 -4.52
C ARG A 68 -17.83 -13.94 -3.10
N VAL A 69 -17.53 -12.70 -2.70
CA VAL A 69 -16.85 -12.44 -1.43
C VAL A 69 -17.79 -11.67 -0.50
N THR A 70 -17.91 -12.16 0.73
CA THR A 70 -18.58 -11.45 1.81
C THR A 70 -17.75 -11.61 3.08
N ILE A 71 -17.63 -10.52 3.84
CA ILE A 71 -16.81 -10.50 5.05
C ILE A 71 -17.68 -10.09 6.22
N SER A 72 -17.64 -10.86 7.29
CA SER A 72 -18.42 -10.61 8.50
C SER A 72 -17.47 -10.49 9.70
N VAL A 73 -18.05 -10.18 10.85
CA VAL A 73 -17.29 -10.05 12.09
C VAL A 73 -18.28 -10.17 13.26
N ASP A 74 -17.84 -10.86 14.32
CA ASP A 74 -18.66 -11.09 15.50
C ASP A 74 -17.83 -10.80 16.74
N THR A 75 -18.38 -9.98 17.65
CA THR A 75 -17.73 -9.68 18.91
C THR A 75 -17.94 -10.76 19.96
N SER A 76 -18.84 -11.73 19.71
CA SER A 76 -19.02 -12.83 20.64
C SER A 76 -17.74 -13.65 20.80
N GLU A 77 -16.95 -13.75 19.74
CA GLU A 77 -15.67 -14.44 19.79
C GLU A 77 -14.51 -13.57 19.32
N ASN A 78 -14.75 -12.32 18.95
CA ASN A 78 -13.71 -11.35 18.61
C ASN A 78 -12.87 -11.84 17.43
N GLN A 79 -13.53 -11.97 16.28
CA GLN A 79 -12.87 -12.40 15.06
C GLN A 79 -13.73 -12.00 13.87
N PHE A 80 -13.08 -11.88 12.71
CA PHE A 80 -13.78 -11.56 11.46
C PHE A 80 -13.53 -12.65 10.43
N SER A 81 -14.57 -13.00 9.69
CA SER A 81 -14.57 -14.14 8.80
C SER A 81 -14.36 -13.72 7.35
N LEU A 82 -14.49 -14.67 6.44
CA LEU A 82 -14.33 -14.41 5.01
C LEU A 82 -14.99 -15.55 4.24
N LYS A 83 -15.88 -15.21 3.32
CA LYS A 83 -16.56 -16.17 2.47
C LYS A 83 -16.15 -15.96 1.02
N LEU A 84 -15.67 -17.02 0.37
CA LEU A 84 -15.30 -16.99 -1.04
C LEU A 84 -16.06 -18.12 -1.73
N SER A 85 -17.22 -17.80 -2.30
CA SER A 85 -18.09 -18.78 -2.92
C SER A 85 -17.67 -19.03 -4.36
N SER A 86 -18.05 -20.22 -4.86
CA SER A 86 -17.76 -20.64 -6.23
C SER A 86 -16.27 -20.51 -6.54
N VAL A 87 -15.47 -21.23 -5.76
CA VAL A 87 -14.02 -21.14 -5.88
C VAL A 87 -13.58 -21.74 -7.21
N THR A 88 -12.47 -21.21 -7.75
CA THR A 88 -11.91 -21.67 -9.00
C THR A 88 -10.44 -22.02 -8.79
N ALA A 89 -9.79 -22.49 -9.85
CA ALA A 89 -8.39 -22.91 -9.74
C ALA A 89 -7.46 -21.73 -9.49
N ALA A 90 -7.84 -20.53 -9.94
CA ALA A 90 -6.97 -19.36 -9.76
C ALA A 90 -6.95 -18.88 -8.32
N ASP A 91 -7.90 -19.31 -7.49
CA ASP A 91 -7.99 -18.84 -6.11
C ASP A 91 -6.99 -19.51 -5.18
N THR A 92 -6.16 -20.43 -5.68
CA THR A 92 -5.11 -21.02 -4.87
C THR A 92 -4.11 -19.95 -4.45
N ALA A 93 -4.08 -19.61 -3.17
CA ALA A 93 -3.26 -18.51 -2.69
C ALA A 93 -3.09 -18.63 -1.19
N VAL A 94 -2.14 -17.85 -0.65
CA VAL A 94 -1.91 -17.74 0.78
C VAL A 94 -2.65 -16.49 1.26
N TYR A 95 -3.67 -16.69 2.09
CA TYR A 95 -4.58 -15.61 2.48
C TYR A 95 -4.12 -15.01 3.80
N TYR A 96 -3.68 -13.75 3.74
CA TYR A 96 -3.27 -13.01 4.93
C TYR A 96 -4.43 -12.14 5.40
N CYS A 97 -4.59 -12.03 6.72
CA CYS A 97 -5.48 -11.05 7.33
C CYS A 97 -4.63 -10.05 8.09
N ALA A 98 -4.86 -8.76 7.81
CA ALA A 98 -4.03 -7.70 8.36
C ALA A 98 -4.90 -6.63 8.99
N ASN A 99 -4.33 -5.94 9.98
CA ASN A 99 -4.98 -4.82 10.64
C ASN A 99 -4.64 -3.53 9.91
N LEU A 100 -5.64 -2.67 9.74
CA LEU A 100 -5.47 -1.36 9.11
C LEU A 100 -5.75 -0.27 10.13
N ALA A 101 -4.90 0.75 10.16
CA ALA A 101 -4.99 1.80 11.16
C ALA A 101 -6.23 2.66 10.94
N TRP A 102 -6.36 3.70 11.76
CA TRP A 102 -7.53 4.58 11.71
C TRP A 102 -7.79 5.08 10.30
N LEU A 103 -6.85 5.83 9.74
CA LEU A 103 -7.00 6.34 8.39
C LEU A 103 -6.81 5.21 7.38
N ARG A 104 -7.38 5.40 6.19
CA ARG A 104 -7.24 4.42 5.12
C ARG A 104 -5.83 4.47 4.55
N GLY A 105 -4.85 4.10 5.37
CA GLY A 105 -3.45 4.20 4.99
C GLY A 105 -2.73 2.88 4.91
N TYR A 106 -1.84 2.61 5.87
CA TYR A 106 -0.98 1.44 5.83
C TYR A 106 -1.47 0.39 6.82
N PHE A 107 -1.28 -0.88 6.45
CA PHE A 107 -1.66 -2.00 7.31
C PHE A 107 -0.66 -2.14 8.44
N ASP A 108 -1.13 -2.02 9.68
CA ASP A 108 -0.24 -2.07 10.83
C ASP A 108 0.12 -3.49 11.23
N TYR A 109 -0.87 -4.28 11.61
CA TYR A 109 -0.66 -5.61 12.19
C TYR A 109 -1.10 -6.67 11.17
N TRP A 110 -0.14 -7.42 10.67
CA TRP A 110 -0.41 -8.52 9.74
C TRP A 110 -0.47 -9.84 10.50
N GLY A 111 -1.05 -10.84 9.83
CA GLY A 111 -0.98 -12.21 10.29
C GLY A 111 0.21 -12.93 9.68
N GLN A 112 0.10 -14.25 9.63
CA GLN A 112 1.11 -15.08 8.95
C GLN A 112 0.51 -15.89 7.81
N GLY A 113 -0.74 -15.63 7.44
CA GLY A 113 -1.34 -16.26 6.29
C GLY A 113 -1.61 -17.74 6.42
N THR A 114 -2.33 -18.29 5.45
CA THR A 114 -2.60 -19.72 5.39
C THR A 114 -2.87 -20.09 3.93
N LEU A 115 -2.20 -21.14 3.46
CA LEU A 115 -2.30 -21.55 2.07
C LEU A 115 -3.54 -22.42 1.87
N VAL A 116 -4.42 -22.00 0.98
CA VAL A 116 -5.57 -22.79 0.55
C VAL A 116 -5.30 -23.30 -0.87
N THR A 117 -5.72 -24.52 -1.14
CA THR A 117 -5.51 -25.15 -2.43
C THR A 117 -6.81 -25.80 -2.89
N VAL A 118 -7.09 -25.67 -4.19
CA VAL A 118 -8.32 -26.19 -4.77
C VAL A 118 -7.94 -27.31 -5.73
N SER A 119 -8.18 -28.54 -5.30
CA SER A 119 -7.96 -29.72 -6.14
C SER A 119 -8.88 -30.82 -5.64
N SER A 120 -8.80 -31.99 -6.29
CA SER A 120 -9.72 -33.09 -6.01
C SER A 120 -8.93 -34.32 -5.60
N ALA A 121 -8.93 -34.63 -4.30
CA ALA A 121 -8.38 -35.88 -3.78
C ALA A 121 -9.20 -36.25 -2.55
N SER A 122 -10.25 -37.05 -2.76
CA SER A 122 -11.17 -37.43 -1.69
C SER A 122 -11.70 -36.21 -0.93
N ASN B 1 -13.69 20.28 31.36
CA ASN B 1 -14.18 21.65 31.24
C ASN B 1 -14.51 21.99 29.79
N ILE B 2 -14.53 20.98 28.92
CA ILE B 2 -14.84 21.18 27.52
C ILE B 2 -15.53 19.93 26.98
N THR B 3 -16.75 20.10 26.46
CA THR B 3 -17.56 18.96 26.03
C THR B 3 -18.20 19.11 24.67
N ASN B 4 -18.38 20.33 24.15
CA ASN B 4 -19.04 20.51 22.87
C ASN B 4 -18.15 20.05 21.73
N LEU B 5 -18.76 19.45 20.71
CA LEU B 5 -18.00 18.96 19.57
C LEU B 5 -17.76 20.08 18.56
N CYS B 6 -16.63 19.99 17.86
CA CYS B 6 -16.26 21.03 16.91
C CYS B 6 -17.19 20.97 15.69
N PRO B 7 -17.70 22.11 15.23
CA PRO B 7 -18.67 22.13 14.12
C PRO B 7 -18.03 21.98 12.74
N PHE B 8 -17.42 20.82 12.51
CA PHE B 8 -16.92 20.50 11.18
C PHE B 8 -18.06 20.33 10.19
N GLY B 9 -19.26 19.98 10.67
CA GLY B 9 -20.38 19.82 9.77
C GLY B 9 -20.84 21.13 9.15
N GLU B 10 -20.63 22.25 9.85
CA GLU B 10 -21.03 23.54 9.31
C GLU B 10 -20.18 23.96 8.12
N VAL B 11 -19.03 23.32 7.91
CA VAL B 11 -18.16 23.63 6.78
C VAL B 11 -18.35 22.63 5.65
N PHE B 12 -18.26 21.33 5.96
CA PHE B 12 -18.38 20.31 4.91
C PHE B 12 -19.80 20.24 4.38
N ASN B 13 -20.79 20.27 5.26
CA ASN B 13 -22.19 20.20 4.85
C ASN B 13 -22.80 21.58 4.58
N ALA B 14 -21.97 22.61 4.41
CA ALA B 14 -22.49 23.93 4.11
C ALA B 14 -23.24 23.91 2.78
N THR B 15 -24.34 24.67 2.73
CA THR B 15 -25.18 24.69 1.53
C THR B 15 -24.40 25.13 0.31
N ARG B 16 -23.70 26.26 0.42
CA ARG B 16 -22.89 26.79 -0.66
C ARG B 16 -21.46 27.01 -0.19
N PHE B 17 -20.52 26.87 -1.12
CA PHE B 17 -19.12 27.18 -0.87
C PHE B 17 -18.75 28.47 -1.57
N ALA B 18 -17.97 29.30 -0.88
CA ALA B 18 -17.50 30.54 -1.48
C ALA B 18 -16.54 30.25 -2.64
N SER B 19 -16.38 31.24 -3.51
CA SER B 19 -15.49 31.09 -4.64
C SER B 19 -14.05 30.88 -4.17
N VAL B 20 -13.24 30.28 -5.05
CA VAL B 20 -11.88 29.90 -4.67
C VAL B 20 -11.02 31.14 -4.44
N TYR B 21 -11.17 32.17 -5.28
CA TYR B 21 -10.37 33.38 -5.10
C TYR B 21 -10.72 34.08 -3.80
N ALA B 22 -12.01 34.18 -3.47
CA ALA B 22 -12.46 34.69 -2.18
C ALA B 22 -12.76 33.53 -1.24
N TRP B 23 -11.72 32.74 -0.97
CA TRP B 23 -11.88 31.54 -0.15
C TRP B 23 -12.31 31.90 1.27
N ASN B 24 -13.27 31.15 1.79
CA ASN B 24 -13.90 31.44 3.07
C ASN B 24 -13.19 30.68 4.18
N ARG B 25 -12.71 31.40 5.18
CA ARG B 25 -12.02 30.82 6.32
C ARG B 25 -12.89 30.92 7.57
N LYS B 26 -12.93 29.84 8.34
CA LYS B 26 -13.66 29.79 9.60
C LYS B 26 -12.71 29.40 10.72
N ARG B 27 -12.74 30.16 11.81
CA ARG B 27 -11.93 29.87 12.99
C ARG B 27 -12.69 28.92 13.90
N ILE B 28 -11.97 27.96 14.48
CA ILE B 28 -12.55 26.94 15.34
C ILE B 28 -11.76 26.87 16.63
N SER B 29 -12.45 26.98 17.76
CA SER B 29 -11.80 26.92 19.07
C SER B 29 -12.84 26.55 20.11
N ASN B 30 -12.35 26.09 21.27
CA ASN B 30 -13.18 25.72 22.41
C ASN B 30 -14.20 24.65 22.04
N CYS B 31 -13.67 23.50 21.63
CA CYS B 31 -14.50 22.35 21.27
C CYS B 31 -13.63 21.11 21.19
N VAL B 32 -14.29 19.95 21.21
CA VAL B 32 -13.63 18.67 21.08
C VAL B 32 -13.77 18.21 19.62
N ALA B 33 -12.64 18.02 18.95
CA ALA B 33 -12.61 17.71 17.53
C ALA B 33 -12.47 16.21 17.32
N ASP B 34 -13.48 15.60 16.70
CA ASP B 34 -13.45 14.20 16.32
C ASP B 34 -13.06 14.13 14.85
N TYR B 35 -11.75 14.06 14.58
CA TYR B 35 -11.27 14.03 13.22
C TYR B 35 -11.60 12.70 12.52
N SER B 36 -11.92 11.65 13.28
CA SER B 36 -12.21 10.35 12.69
C SER B 36 -13.43 10.40 11.78
N VAL B 37 -14.31 11.39 11.95
CA VAL B 37 -15.42 11.56 11.03
C VAL B 37 -14.91 11.94 9.64
N LEU B 38 -13.74 12.57 9.57
CA LEU B 38 -13.19 13.07 8.31
C LEU B 38 -12.19 12.10 7.67
N TYR B 39 -11.16 11.68 8.41
CA TYR B 39 -10.12 10.85 7.81
C TYR B 39 -10.51 9.39 7.65
N ASN B 40 -11.78 9.04 7.89
CA ASN B 40 -12.27 7.70 7.62
C ASN B 40 -13.36 7.65 6.56
N SER B 41 -13.93 8.79 6.18
CA SER B 41 -14.97 8.80 5.16
C SER B 41 -14.37 8.46 3.79
N ALA B 42 -15.06 7.62 3.04
CA ALA B 42 -14.62 7.21 1.72
C ALA B 42 -15.10 8.14 0.61
N SER B 43 -15.93 9.13 0.93
CA SER B 43 -16.45 10.04 -0.09
C SER B 43 -15.41 11.06 -0.54
N PHE B 44 -14.34 11.25 0.23
CA PHE B 44 -13.32 12.23 -0.11
C PHE B 44 -12.39 11.65 -1.17
N SER B 45 -12.25 12.37 -2.29
CA SER B 45 -11.38 11.90 -3.36
C SER B 45 -9.91 12.12 -3.02
N THR B 46 -9.61 13.16 -2.25
CA THR B 46 -8.23 13.51 -1.89
C THR B 46 -8.19 13.86 -0.41
N PHE B 47 -7.41 13.11 0.36
CA PHE B 47 -7.22 13.37 1.79
C PHE B 47 -5.74 13.19 2.09
N LYS B 48 -5.03 14.30 2.26
CA LYS B 48 -3.60 14.28 2.58
C LYS B 48 -3.32 15.31 3.66
N CYS B 49 -2.85 14.83 4.81
CA CYS B 49 -2.45 15.70 5.91
C CYS B 49 -0.96 15.99 5.81
N TYR B 50 -0.61 17.26 5.67
CA TYR B 50 0.78 17.68 5.52
C TYR B 50 1.30 18.20 6.86
N GLY B 51 2.36 17.58 7.37
CA GLY B 51 3.02 18.03 8.56
C GLY B 51 2.54 17.43 9.86
N VAL B 52 1.43 16.69 9.84
CA VAL B 52 0.87 16.10 11.05
C VAL B 52 0.63 14.61 10.81
N SER B 53 0.56 13.87 11.91
CA SER B 53 0.16 12.47 11.86
C SER B 53 -1.34 12.40 11.61
N PRO B 54 -1.79 11.81 10.49
CA PRO B 54 -3.23 11.82 10.20
C PRO B 54 -4.04 10.93 11.11
N THR B 55 -3.46 9.87 11.65
CA THR B 55 -4.17 8.98 12.55
C THR B 55 -4.12 9.45 14.00
N LYS B 56 -3.02 10.07 14.41
CA LYS B 56 -2.85 10.55 15.78
C LYS B 56 -3.45 11.93 16.00
N LEU B 57 -4.35 12.36 15.13
CA LEU B 57 -4.98 13.67 15.30
C LEU B 57 -5.88 13.72 16.54
N ASN B 58 -6.48 12.58 16.91
CA ASN B 58 -7.35 12.53 18.07
C ASN B 58 -6.61 12.60 19.40
N ASP B 59 -5.29 12.76 19.39
CA ASP B 59 -4.49 12.86 20.60
C ASP B 59 -3.89 14.24 20.82
N LEU B 60 -4.14 15.18 19.92
CA LEU B 60 -3.44 16.46 19.91
C LEU B 60 -4.39 17.60 20.28
N CYS B 61 -3.92 18.49 21.15
CA CYS B 61 -4.58 19.75 21.45
C CYS B 61 -3.90 20.86 20.65
N PHE B 62 -4.70 21.81 20.18
CA PHE B 62 -4.19 22.93 19.40
C PHE B 62 -4.78 24.23 19.91
N THR B 63 -4.02 25.32 19.72
CA THR B 63 -4.51 26.64 20.11
C THR B 63 -5.72 27.04 19.28
N ASN B 64 -5.61 26.95 17.96
CA ASN B 64 -6.72 27.25 17.06
C ASN B 64 -6.58 26.38 15.82
N VAL B 65 -7.72 26.08 15.20
CA VAL B 65 -7.78 25.30 13.96
C VAL B 65 -8.63 26.08 12.97
N TYR B 66 -8.05 26.39 11.81
CA TYR B 66 -8.71 27.17 10.78
C TYR B 66 -9.11 26.27 9.62
N ALA B 67 -10.34 26.45 9.13
CA ALA B 67 -10.88 25.65 8.05
C ALA B 67 -11.21 26.57 6.88
N ASP B 68 -10.54 26.35 5.75
CA ASP B 68 -10.78 27.11 4.53
C ASP B 68 -11.56 26.23 3.56
N SER B 69 -12.60 26.79 2.95
CA SER B 69 -13.47 26.05 2.05
C SER B 69 -13.64 26.79 0.74
N PHE B 70 -13.55 26.06 -0.37
CA PHE B 70 -13.73 26.62 -1.71
C PHE B 70 -13.88 25.45 -2.68
N VAL B 71 -14.04 25.77 -3.96
CA VAL B 71 -14.24 24.78 -5.01
C VAL B 71 -13.35 25.14 -6.20
N ILE B 72 -12.75 24.10 -6.80
CA ILE B 72 -11.97 24.22 -8.03
C ILE B 72 -12.28 23.00 -8.89
N ARG B 73 -11.69 22.97 -10.08
CA ARG B 73 -11.86 21.81 -10.96
C ARG B 73 -10.82 20.74 -10.62
N GLY B 74 -11.03 19.55 -11.18
CA GLY B 74 -10.27 18.38 -10.75
C GLY B 74 -8.77 18.52 -10.96
N ASP B 75 -8.38 19.01 -12.14
CA ASP B 75 -6.95 19.11 -12.45
C ASP B 75 -6.24 20.21 -11.66
N GLU B 76 -6.99 21.07 -10.96
CA GLU B 76 -6.40 22.10 -10.12
C GLU B 76 -6.32 21.69 -8.65
N VAL B 77 -6.83 20.52 -8.29
CA VAL B 77 -6.74 20.05 -6.91
C VAL B 77 -5.29 19.80 -6.52
N ARG B 78 -4.46 19.37 -7.47
CA ARG B 78 -3.05 19.14 -7.18
C ARG B 78 -2.32 20.41 -6.77
N GLN B 79 -2.90 21.58 -7.05
CA GLN B 79 -2.27 22.84 -6.66
C GLN B 79 -2.50 23.18 -5.19
N ILE B 80 -3.46 22.52 -4.54
CA ILE B 80 -3.72 22.77 -3.11
C ILE B 80 -2.80 21.82 -2.35
N ALA B 81 -1.55 22.25 -2.18
CA ALA B 81 -0.50 21.48 -1.53
C ALA B 81 0.72 22.38 -1.35
N PRO B 82 1.57 22.10 -0.35
CA PRO B 82 2.78 22.91 -0.18
C PRO B 82 3.71 22.78 -1.37
N GLY B 83 4.22 23.92 -1.85
CA GLY B 83 5.14 23.93 -2.96
C GLY B 83 4.53 23.51 -4.28
N GLN B 84 3.61 24.33 -4.79
CA GLN B 84 2.95 24.05 -6.06
C GLN B 84 2.87 25.31 -6.89
N THR B 85 2.74 25.13 -8.20
CA THR B 85 2.60 26.23 -9.15
C THR B 85 1.28 26.07 -9.91
N GLY B 86 0.80 27.19 -10.46
CA GLY B 86 -0.45 27.18 -11.19
C GLY B 86 -1.30 28.40 -10.90
N LYS B 87 -2.40 28.56 -11.64
CA LYS B 87 -3.24 29.74 -11.49
C LYS B 87 -3.86 29.82 -10.10
N ILE B 88 -4.13 28.67 -9.48
CA ILE B 88 -4.75 28.67 -8.16
C ILE B 88 -3.70 28.87 -7.07
N ALA B 89 -2.56 28.21 -7.19
CA ALA B 89 -1.52 28.33 -6.17
C ALA B 89 -0.83 29.68 -6.22
N ASP B 90 -0.56 30.18 -7.43
CA ASP B 90 0.17 31.44 -7.55
C ASP B 90 -0.72 32.64 -7.30
N TYR B 91 -1.96 32.61 -7.78
CA TYR B 91 -2.82 33.79 -7.79
C TYR B 91 -4.06 33.70 -6.90
N ASN B 92 -4.57 32.49 -6.64
CA ASN B 92 -5.83 32.35 -5.92
C ASN B 92 -5.63 31.94 -4.46
N TYR B 93 -4.95 30.82 -4.22
CA TYR B 93 -4.83 30.28 -2.86
C TYR B 93 -3.48 29.57 -2.75
N LYS B 94 -2.60 30.10 -1.92
CA LYS B 94 -1.24 29.60 -1.78
C LYS B 94 -1.04 29.02 -0.38
N LEU B 95 -0.59 27.77 -0.31
CA LEU B 95 -0.19 27.15 0.94
C LEU B 95 1.32 27.32 1.15
N PRO B 96 1.75 27.55 2.38
CA PRO B 96 3.20 27.69 2.64
C PRO B 96 3.92 26.37 2.47
N ASP B 97 5.24 26.47 2.33
CA ASP B 97 6.06 25.27 2.17
C ASP B 97 6.12 24.44 3.44
N ASP B 98 5.73 25.00 4.58
CA ASP B 98 5.71 24.29 5.85
C ASP B 98 4.29 24.16 6.39
N PHE B 99 3.31 24.01 5.48
CA PHE B 99 1.91 23.93 5.89
C PHE B 99 1.68 22.75 6.82
N THR B 100 1.05 23.03 7.96
CA THR B 100 0.78 22.04 9.00
C THR B 100 -0.73 21.84 9.08
N GLY B 101 -1.23 20.82 8.40
CA GLY B 101 -2.65 20.55 8.40
C GLY B 101 -3.01 19.51 7.36
N CYS B 102 -4.30 19.45 7.04
CA CYS B 102 -4.84 18.46 6.11
C CYS B 102 -5.52 19.15 4.95
N VAL B 103 -5.43 18.53 3.77
CA VAL B 103 -6.09 18.99 2.57
C VAL B 103 -7.15 17.97 2.18
N ILE B 104 -8.40 18.39 2.12
CA ILE B 104 -9.53 17.52 1.85
C ILE B 104 -10.27 18.03 0.62
N ALA B 105 -10.65 17.11 -0.26
CA ALA B 105 -11.35 17.46 -1.48
C ALA B 105 -12.27 16.32 -1.89
N TRP B 106 -13.38 16.67 -2.53
CA TRP B 106 -14.33 15.66 -3.00
C TRP B 106 -15.12 16.24 -4.16
N ASN B 107 -15.56 15.35 -5.05
CA ASN B 107 -16.30 15.77 -6.23
C ASN B 107 -17.67 16.32 -5.85
N SER B 108 -18.06 17.42 -6.49
CA SER B 108 -19.35 18.06 -6.26
C SER B 108 -20.01 18.42 -7.58
N ASN B 109 -19.96 17.50 -8.55
CA ASN B 109 -20.57 17.76 -9.85
C ASN B 109 -22.09 17.79 -9.76
N ASN B 110 -22.67 17.03 -8.83
CA ASN B 110 -24.12 17.01 -8.65
C ASN B 110 -24.62 18.15 -7.77
N LEU B 111 -23.74 19.00 -7.27
CA LEU B 111 -24.13 20.13 -6.43
C LEU B 111 -23.85 21.48 -7.07
N ASP B 112 -22.61 21.71 -7.50
CA ASP B 112 -22.20 23.02 -7.99
C ASP B 112 -22.41 23.21 -9.49
N SER B 113 -22.70 22.15 -10.23
CA SER B 113 -22.90 22.22 -11.68
C SER B 113 -24.40 22.24 -11.97
N LYS B 114 -24.89 23.38 -12.46
CA LYS B 114 -26.27 23.47 -12.91
C LYS B 114 -26.36 23.09 -14.38
N VAL B 115 -27.59 22.84 -14.84
CA VAL B 115 -27.82 22.46 -16.23
C VAL B 115 -27.53 23.64 -17.14
N GLY B 116 -26.59 23.46 -18.06
CA GLY B 116 -26.24 24.49 -19.01
C GLY B 116 -25.01 25.31 -18.67
N GLY B 117 -24.55 25.25 -17.42
CA GLY B 117 -23.36 25.99 -17.03
C GLY B 117 -23.57 26.86 -15.81
N ASN B 118 -22.74 26.66 -14.79
CA ASN B 118 -22.80 27.44 -13.56
C ASN B 118 -21.69 28.49 -13.61
N TYR B 119 -22.08 29.75 -13.76
CA TYR B 119 -21.13 30.86 -13.80
C TYR B 119 -21.04 31.61 -12.48
N ASN B 120 -21.71 31.10 -11.43
CA ASN B 120 -21.59 31.73 -10.12
C ASN B 120 -20.19 31.57 -9.54
N TYR B 121 -19.51 30.47 -9.87
CA TYR B 121 -18.16 30.24 -9.36
C TYR B 121 -17.14 30.94 -10.26
N LEU B 122 -16.19 31.62 -9.64
CA LEU B 122 -15.17 32.38 -10.36
C LEU B 122 -13.79 31.99 -9.83
N TYR B 123 -12.76 32.46 -10.53
CA TYR B 123 -11.38 32.27 -10.09
C TYR B 123 -10.51 33.28 -10.83
N ARG B 124 -9.43 33.70 -10.18
CA ARG B 124 -8.54 34.69 -10.74
C ARG B 124 -7.63 34.08 -11.81
N LEU B 125 -7.51 34.76 -12.94
CA LEU B 125 -6.66 34.30 -14.03
C LEU B 125 -5.42 35.15 -14.23
N PHE B 126 -5.48 36.44 -13.92
CA PHE B 126 -4.34 37.35 -14.06
C PHE B 126 -4.12 38.10 -12.75
N ARG B 127 -2.86 38.23 -12.35
CA ARG B 127 -2.50 39.00 -11.17
C ARG B 127 -1.13 39.60 -11.38
N LYS B 128 -0.84 40.66 -10.62
CA LYS B 128 0.45 41.35 -10.74
C LYS B 128 1.59 40.43 -10.34
N SER B 129 1.56 39.91 -9.12
CA SER B 129 2.59 39.03 -8.60
C SER B 129 1.95 37.82 -7.95
N ASN B 130 2.77 36.82 -7.66
CA ASN B 130 2.28 35.61 -7.00
C ASN B 130 1.84 35.92 -5.58
N LEU B 131 0.87 35.13 -5.09
CA LEU B 131 0.33 35.34 -3.76
C LEU B 131 1.26 34.80 -2.70
N LYS B 132 1.55 35.61 -1.70
CA LYS B 132 2.18 35.11 -0.49
C LYS B 132 1.25 34.09 0.17
N PRO B 133 1.79 33.13 0.91
CA PRO B 133 0.93 32.07 1.49
C PRO B 133 -0.16 32.66 2.38
N PHE B 134 -1.37 32.12 2.23
CA PHE B 134 -2.52 32.51 3.03
C PHE B 134 -2.89 33.98 2.85
N GLU B 135 -2.73 34.49 1.63
CA GLU B 135 -3.15 35.84 1.29
C GLU B 135 -4.45 35.77 0.49
N ARG B 136 -5.41 36.60 0.86
CA ARG B 136 -6.75 36.60 0.25
C ARG B 136 -6.97 37.95 -0.43
N ASP B 137 -6.86 37.97 -1.74
CA ASP B 137 -7.06 39.18 -2.54
C ASP B 137 -8.44 39.16 -3.18
N ILE B 138 -9.05 40.34 -3.28
CA ILE B 138 -10.38 40.49 -3.86
C ILE B 138 -10.44 41.63 -4.87
N SER B 139 -9.33 42.30 -5.17
CA SER B 139 -9.35 43.46 -6.05
C SER B 139 -9.67 43.04 -7.47
N THR B 140 -10.79 43.55 -7.99
CA THR B 140 -11.23 43.26 -9.36
C THR B 140 -10.81 44.35 -10.34
N GLU B 141 -9.69 45.01 -10.08
CA GLU B 141 -9.21 46.06 -10.98
C GLU B 141 -8.69 45.46 -12.28
N ILE B 142 -8.80 46.24 -13.35
CA ILE B 142 -8.38 45.77 -14.67
C ILE B 142 -6.89 45.49 -14.65
N TYR B 143 -6.52 44.25 -14.99
CA TYR B 143 -5.12 43.87 -15.05
C TYR B 143 -4.48 44.43 -16.31
N GLN B 144 -3.33 45.07 -16.15
CA GLN B 144 -2.59 45.67 -17.27
C GLN B 144 -1.42 44.77 -17.62
N ALA B 145 -1.49 44.14 -18.79
CA ALA B 145 -0.44 43.24 -19.26
C ALA B 145 0.53 43.90 -20.22
N GLY B 146 0.28 45.15 -20.61
CA GLY B 146 1.13 45.85 -21.56
C GLY B 146 1.61 47.17 -21.01
N SER B 147 2.36 47.88 -21.86
CA SER B 147 2.92 49.18 -21.48
C SER B 147 1.89 50.31 -21.54
N THR B 148 0.72 50.08 -22.13
CA THR B 148 -0.30 51.13 -22.21
C THR B 148 -1.24 51.01 -21.02
N PRO B 149 -1.51 52.11 -20.32
CA PRO B 149 -2.44 52.06 -19.18
C PRO B 149 -3.84 51.67 -19.62
N CYS B 150 -4.65 51.31 -18.62
CA CYS B 150 -6.00 50.79 -18.87
C CYS B 150 -7.03 51.58 -18.08
N ASN B 151 -8.18 51.79 -18.70
CA ASN B 151 -9.36 52.31 -18.01
C ASN B 151 -10.57 51.71 -18.74
N GLY B 152 -11.09 50.61 -18.21
CA GLY B 152 -12.07 49.81 -18.91
C GLY B 152 -11.42 48.62 -19.57
N VAL B 153 -12.20 47.53 -19.66
CA VAL B 153 -11.65 46.26 -20.15
C VAL B 153 -11.37 46.28 -21.65
N GLU B 154 -11.85 47.29 -22.37
CA GLU B 154 -11.65 47.33 -23.82
C GLU B 154 -10.19 47.62 -24.15
N GLY B 155 -9.78 47.22 -25.35
CA GLY B 155 -8.41 47.35 -25.77
C GLY B 155 -7.55 46.20 -25.29
N PHE B 156 -6.52 45.84 -26.05
CA PHE B 156 -5.66 44.73 -25.68
C PHE B 156 -4.83 45.09 -24.45
N ASN B 157 -4.27 44.06 -23.82
CA ASN B 157 -3.46 44.15 -22.61
C ASN B 157 -4.27 44.65 -21.41
N CYS B 158 -5.59 44.69 -21.51
CA CYS B 158 -6.47 45.08 -20.41
C CYS B 158 -7.55 44.02 -20.27
N TYR B 159 -7.49 43.24 -19.20
CA TYR B 159 -8.40 42.12 -19.00
C TYR B 159 -9.04 42.20 -17.62
N PHE B 160 -10.25 41.65 -17.52
CA PHE B 160 -10.88 41.49 -16.22
C PHE B 160 -10.18 40.36 -15.48
N PRO B 161 -9.75 40.56 -14.23
CA PRO B 161 -8.90 39.55 -13.59
C PRO B 161 -9.62 38.24 -13.28
N LEU B 162 -10.86 38.31 -12.82
CA LEU B 162 -11.59 37.10 -12.44
C LEU B 162 -12.12 36.37 -13.67
N GLN B 163 -11.99 35.05 -13.65
CA GLN B 163 -12.51 34.18 -14.70
C GLN B 163 -13.53 33.23 -14.10
N SER B 164 -14.66 33.06 -14.79
CA SER B 164 -15.74 32.22 -14.31
C SER B 164 -15.61 30.81 -14.86
N TYR B 165 -16.00 29.82 -14.04
CA TYR B 165 -16.03 28.45 -14.49
C TYR B 165 -17.29 28.18 -15.32
N GLY B 166 -17.23 27.13 -16.13
CA GLY B 166 -18.34 26.73 -16.97
C GLY B 166 -18.93 25.40 -16.57
N PHE B 167 -19.07 25.20 -15.26
CA PHE B 167 -19.49 23.93 -14.69
C PHE B 167 -20.83 23.44 -15.22
N GLN B 168 -20.79 22.39 -16.04
CA GLN B 168 -21.95 21.67 -16.54
C GLN B 168 -21.86 20.21 -16.13
N PRO B 169 -23.00 19.53 -15.96
CA PRO B 169 -22.95 18.10 -15.64
C PRO B 169 -22.31 17.25 -16.73
N THR B 170 -22.21 17.76 -17.95
CA THR B 170 -21.64 17.02 -19.06
C THR B 170 -20.13 17.20 -19.20
N ASN B 171 -19.52 18.09 -18.42
CA ASN B 171 -18.09 18.33 -18.54
C ASN B 171 -17.29 17.11 -18.10
N GLY B 172 -16.06 17.04 -18.60
CA GLY B 172 -15.17 15.98 -18.19
C GLY B 172 -14.78 16.08 -16.72
N VAL B 173 -14.37 14.94 -16.17
CA VAL B 173 -14.05 14.86 -14.75
C VAL B 173 -12.93 15.83 -14.39
N GLY B 174 -11.97 16.01 -15.30
CA GLY B 174 -10.89 16.96 -15.06
C GLY B 174 -11.35 18.40 -15.00
N TYR B 175 -12.52 18.71 -15.56
CA TYR B 175 -13.06 20.06 -15.56
C TYR B 175 -14.34 20.17 -14.72
N GLN B 176 -14.57 19.19 -13.80
CA GLN B 176 -15.74 19.17 -12.92
C GLN B 176 -15.41 19.81 -11.57
N PRO B 177 -16.41 20.40 -10.91
CA PRO B 177 -16.15 21.06 -9.64
C PRO B 177 -15.77 20.08 -8.54
N TYR B 178 -14.88 20.51 -7.67
CA TYR B 178 -14.41 19.70 -6.54
C TYR B 178 -14.36 20.58 -5.30
N ARG B 179 -15.27 20.34 -4.36
CA ARG B 179 -15.27 21.10 -3.11
C ARG B 179 -14.04 20.75 -2.29
N VAL B 180 -13.32 21.76 -1.81
CA VAL B 180 -12.07 21.58 -1.11
C VAL B 180 -12.18 22.22 0.27
N VAL B 181 -11.72 21.51 1.30
CA VAL B 181 -11.64 22.01 2.66
C VAL B 181 -10.23 21.81 3.17
N VAL B 182 -9.62 22.88 3.67
CA VAL B 182 -8.25 22.85 4.16
C VAL B 182 -8.27 23.19 5.65
N LEU B 183 -7.72 22.28 6.46
CA LEU B 183 -7.63 22.46 7.90
C LEU B 183 -6.23 22.94 8.26
N SER B 184 -6.16 24.05 8.98
CA SER B 184 -4.89 24.63 9.42
C SER B 184 -4.76 24.46 10.93
N PHE B 185 -3.69 23.79 11.35
CA PHE B 185 -3.45 23.50 12.75
C PHE B 185 -2.43 24.49 13.31
N GLU B 186 -2.84 25.26 14.32
CA GLU B 186 -2.02 26.31 14.90
C GLU B 186 -1.83 26.05 16.40
N LEU B 187 -0.58 26.04 16.84
CA LEU B 187 -0.23 25.87 18.24
C LEU B 187 0.66 27.02 18.67
N LEU B 188 0.26 27.70 19.74
CA LEU B 188 0.96 28.89 20.22
C LEU B 188 1.20 28.75 21.73
N HIS B 189 1.85 29.77 22.30
CA HIS B 189 2.02 29.87 23.75
C HIS B 189 0.72 30.43 24.35
N ALA B 190 -0.33 29.64 24.20
CA ALA B 190 -1.68 30.07 24.55
C ALA B 190 -2.47 28.83 24.95
N PRO B 191 -3.62 29.01 25.61
CA PRO B 191 -4.44 27.84 25.97
C PRO B 191 -4.86 27.04 24.73
N ALA B 192 -4.41 25.79 24.66
CA ALA B 192 -4.79 24.89 23.59
C ALA B 192 -6.21 24.41 23.84
N THR B 193 -7.13 24.76 22.94
CA THR B 193 -8.55 24.50 23.14
C THR B 193 -9.16 23.52 22.14
N VAL B 194 -8.51 23.26 21.01
CA VAL B 194 -9.03 22.34 20.01
C VAL B 194 -8.29 21.02 20.24
N CYS B 195 -8.92 20.14 21.01
CA CYS B 195 -8.34 18.84 21.36
C CYS B 195 -9.12 17.71 20.70
N GLY B 196 -8.44 16.58 20.54
CA GLY B 196 -9.11 15.37 20.16
C GLY B 196 -9.78 14.70 21.33
N PRO B 197 -10.50 13.61 21.05
CA PRO B 197 -11.16 12.87 22.13
C PRO B 197 -10.19 12.39 23.20
N GLY B 198 -9.20 11.60 22.80
CA GLY B 198 -8.18 11.13 23.72
C GLY B 198 -6.96 12.02 23.78
N SER B 199 -7.11 13.23 24.33
CA SER B 199 -6.03 14.20 24.38
C SER B 199 -5.31 14.11 25.72
N HIS B 200 -4.36 15.03 25.95
CA HIS B 200 -3.56 15.04 27.16
C HIS B 200 -4.07 16.01 28.21
N HIS B 201 -4.64 17.15 27.81
CA HIS B 201 -5.15 18.11 28.78
C HIS B 201 -6.36 17.57 29.54
N HIS B 202 -7.07 16.59 28.98
CA HIS B 202 -8.24 16.02 29.64
C HIS B 202 -7.84 15.13 30.81
N ASN C 1 -10.27 1.30 -9.41
CA ASN C 1 -10.44 1.73 -10.79
C ASN C 1 -9.09 2.03 -11.44
N PHE C 2 -8.04 1.95 -10.64
CA PHE C 2 -6.69 2.26 -11.09
C PHE C 2 -5.77 1.09 -10.76
N MET C 3 -4.49 1.24 -11.10
CA MET C 3 -3.48 0.24 -10.83
C MET C 3 -2.18 0.92 -10.45
N LEU C 4 -1.24 0.12 -9.94
CA LEU C 4 0.09 0.59 -9.59
C LEU C 4 1.12 -0.32 -10.25
N THR C 5 2.11 0.29 -10.91
CA THR C 5 3.12 -0.44 -11.67
C THR C 5 4.47 -0.34 -10.98
N GLN C 6 5.16 -1.46 -10.88
CA GLN C 6 6.48 -1.54 -10.29
C GLN C 6 7.45 -2.19 -11.27
N PRO C 7 8.74 -1.88 -11.19
CA PRO C 7 9.70 -2.49 -12.10
C PRO C 7 9.83 -3.99 -11.87
N HIS C 8 10.33 -4.68 -12.89
CA HIS C 8 10.48 -6.13 -12.81
C HIS C 8 11.46 -6.54 -11.73
N SER C 9 12.67 -5.97 -11.77
CA SER C 9 13.69 -6.30 -10.78
C SER C 9 14.74 -5.21 -10.77
N VAL C 10 15.47 -5.13 -9.64
CA VAL C 10 16.57 -4.20 -9.47
C VAL C 10 17.73 -4.95 -8.82
N SER C 11 18.91 -4.35 -8.87
CA SER C 11 20.11 -4.97 -8.34
C SER C 11 21.18 -3.92 -8.09
N GLU C 12 21.88 -4.06 -6.97
CA GLU C 12 22.96 -3.15 -6.62
C GLU C 12 23.89 -3.83 -5.62
N SER C 13 25.07 -3.24 -5.45
CA SER C 13 26.08 -3.78 -4.56
C SER C 13 25.78 -3.42 -3.10
N PRO C 14 26.39 -4.12 -2.15
CA PRO C 14 26.18 -3.78 -0.73
C PRO C 14 26.66 -2.38 -0.42
N GLY C 15 25.93 -1.70 0.47
CA GLY C 15 26.25 -0.34 0.86
C GLY C 15 25.88 0.73 -0.15
N LYS C 16 25.31 0.35 -1.29
CA LYS C 16 24.96 1.29 -2.34
C LYS C 16 23.54 1.82 -2.11
N THR C 17 23.00 2.51 -3.12
CA THR C 17 21.68 3.11 -3.04
C THR C 17 20.87 2.67 -4.26
N VAL C 18 19.65 2.20 -4.02
CA VAL C 18 18.76 1.73 -5.07
C VAL C 18 17.42 2.45 -4.94
N THR C 19 16.69 2.52 -6.05
CA THR C 19 15.41 3.21 -6.11
C THR C 19 14.39 2.36 -6.84
N ILE C 20 13.17 2.31 -6.31
CA ILE C 20 12.07 1.55 -6.89
C ILE C 20 10.89 2.49 -7.06
N SER C 21 10.38 2.58 -8.29
CA SER C 21 9.29 3.48 -8.62
C SER C 21 7.95 2.74 -8.61
N CYS C 22 6.89 3.47 -8.27
CA CYS C 22 5.53 2.93 -8.19
C CYS C 22 4.63 3.80 -9.06
N THR C 23 4.46 3.40 -10.32
CA THR C 23 3.75 4.21 -11.31
C THR C 23 2.26 3.92 -11.25
N ARG C 24 1.45 4.97 -11.22
CA ARG C 24 0.00 4.85 -11.24
C ARG C 24 -0.53 4.94 -12.66
N SER C 25 -1.46 4.04 -13.00
CA SER C 25 -1.96 3.95 -14.36
C SER C 25 -3.17 4.85 -14.62
N SER C 26 -3.92 5.24 -13.59
CA SER C 26 -5.10 6.05 -13.77
C SER C 26 -5.27 6.98 -12.57
N GLY C 27 -5.38 8.27 -12.86
CA GLY C 27 -5.57 9.26 -11.81
C GLY C 27 -4.27 9.82 -11.28
N SER C 28 -4.40 10.85 -10.44
CA SER C 28 -3.24 11.49 -9.83
C SER C 28 -2.74 10.65 -8.66
N ILE C 29 -1.44 10.38 -8.65
CA ILE C 29 -0.84 9.61 -7.55
C ILE C 29 -0.84 10.41 -6.26
N ALA C 30 -0.90 11.73 -6.34
CA ALA C 30 -0.92 12.59 -5.15
C ALA C 30 -2.31 12.72 -4.54
N SER C 31 -3.28 11.93 -5.00
CA SER C 31 -4.62 12.02 -4.43
C SER C 31 -4.66 11.49 -3.00
N ASN C 32 -4.02 10.35 -2.76
CA ASN C 32 -3.97 9.75 -1.43
C ASN C 32 -2.56 9.24 -1.18
N TYR C 33 -2.34 8.74 0.04
CA TYR C 33 -1.01 8.27 0.42
C TYR C 33 -0.68 6.96 -0.31
N VAL C 34 0.61 6.75 -0.53
CA VAL C 34 1.14 5.51 -1.09
C VAL C 34 2.10 4.91 -0.08
N GLN C 35 2.04 3.60 0.08
CA GLN C 35 2.82 2.90 1.08
C GLN C 35 3.74 1.88 0.41
N TRP C 36 4.65 1.33 1.22
CA TRP C 36 5.60 0.33 0.75
C TRP C 36 5.68 -0.79 1.77
N TYR C 37 5.86 -2.02 1.28
CA TYR C 37 5.91 -3.20 2.12
C TYR C 37 7.12 -4.05 1.73
N GLN C 38 7.79 -4.60 2.74
CA GLN C 38 8.94 -5.48 2.54
C GLN C 38 8.55 -6.89 2.96
N GLN C 39 8.56 -7.82 2.00
CA GLN C 39 8.21 -9.21 2.24
C GLN C 39 9.44 -10.08 1.99
N ARG C 40 10.00 -10.64 3.06
CA ARG C 40 11.14 -11.52 2.95
C ARG C 40 10.69 -12.89 2.45
N PRO C 41 11.63 -13.72 1.95
CA PRO C 41 11.26 -15.05 1.44
C PRO C 41 10.46 -15.89 2.43
N GLY C 42 9.22 -16.17 2.10
CA GLY C 42 8.35 -17.02 2.91
C GLY C 42 7.48 -16.32 3.95
N SER C 43 8.07 -15.38 4.70
CA SER C 43 7.37 -14.74 5.79
C SER C 43 6.38 -13.69 5.26
N ALA C 44 5.73 -13.00 6.19
CA ALA C 44 4.70 -12.01 5.89
C ALA C 44 5.33 -10.65 5.58
N PRO C 45 4.63 -9.82 4.82
CA PRO C 45 5.15 -8.47 4.52
C PRO C 45 5.20 -7.61 5.77
N THR C 46 5.91 -6.49 5.65
CA THR C 46 6.07 -5.55 6.74
C THR C 46 6.22 -4.15 6.17
N THR C 47 5.56 -3.18 6.80
CA THR C 47 5.60 -1.81 6.32
C THR C 47 6.98 -1.20 6.56
N VAL C 48 7.58 -0.66 5.50
CA VAL C 48 8.82 0.08 5.61
C VAL C 48 8.60 1.58 5.51
N ILE C 49 7.87 2.03 4.49
CA ILE C 49 7.53 3.42 4.31
C ILE C 49 6.01 3.52 4.17
N TYR C 50 5.42 4.48 4.87
CA TYR C 50 4.00 4.83 4.73
C TYR C 50 3.88 6.33 4.57
N GLU C 51 2.69 6.79 4.18
CA GLU C 51 2.42 8.20 3.94
C GLU C 51 3.39 8.82 2.94
N ASP C 52 3.92 7.97 2.05
CA ASP C 52 4.81 8.31 0.94
C ASP C 52 6.21 8.69 1.38
N ASN C 53 6.41 8.97 2.68
CA ASN C 53 7.76 9.26 3.15
C ASN C 53 8.04 8.83 4.59
N GLN C 54 7.10 8.21 5.30
CA GLN C 54 7.22 8.04 6.73
C GLN C 54 7.63 6.62 7.09
N ARG C 55 8.54 6.52 8.06
CA ARG C 55 9.01 5.23 8.56
C ARG C 55 8.49 5.00 9.98
N PRO C 56 7.95 3.83 10.28
CA PRO C 56 7.58 3.54 11.67
C PRO C 56 8.81 3.26 12.51
N SER C 57 8.68 3.56 13.81
CA SER C 57 9.80 3.37 14.73
C SER C 57 10.17 1.90 14.80
N GLY C 58 11.37 1.57 14.36
CA GLY C 58 11.82 0.19 14.28
C GLY C 58 12.38 -0.13 12.91
N VAL C 59 12.03 0.69 11.93
CA VAL C 59 12.56 0.56 10.57
C VAL C 59 13.81 1.42 10.46
N PRO C 60 14.90 0.90 9.90
CA PRO C 60 16.12 1.72 9.76
C PRO C 60 15.86 2.94 8.89
N ASP C 61 16.51 4.06 9.26
CA ASP C 61 16.38 5.29 8.51
C ASP C 61 17.02 5.22 7.13
N ARG C 62 17.65 4.10 6.78
CA ARG C 62 18.24 3.93 5.46
C ARG C 62 17.19 3.95 4.35
N PHE C 63 15.94 3.62 4.66
CA PHE C 63 14.86 3.66 3.70
C PHE C 63 14.26 5.05 3.65
N SER C 64 13.79 5.43 2.46
CA SER C 64 13.21 6.76 2.27
C SER C 64 12.33 6.73 1.02
N GLY C 65 11.29 7.55 1.05
CA GLY C 65 10.38 7.66 -0.07
C GLY C 65 10.19 9.09 -0.51
N SER C 66 10.14 9.30 -1.82
CA SER C 66 9.98 10.63 -2.40
C SER C 66 8.92 10.55 -3.51
N ILE C 67 8.62 11.71 -4.10
CA ILE C 67 7.57 11.84 -5.10
C ILE C 67 8.19 12.28 -6.41
N ASP C 68 7.63 11.78 -7.52
CA ASP C 68 7.98 12.23 -8.87
C ASP C 68 6.68 12.74 -9.50
N SER C 69 6.52 14.06 -9.52
CA SER C 69 5.24 14.65 -9.91
C SER C 69 4.93 14.43 -11.38
N SER C 70 5.94 14.55 -12.26
CA SER C 70 5.70 14.48 -13.70
C SER C 70 5.31 13.07 -14.12
N SER C 71 6.06 12.06 -13.66
CA SER C 71 5.84 10.69 -14.08
C SER C 71 4.64 10.03 -13.40
N ASN C 72 3.94 10.76 -12.52
CA ASN C 72 2.78 10.24 -11.81
C ASN C 72 3.14 8.98 -11.02
N SER C 73 4.15 9.12 -10.17
CA SER C 73 4.67 7.97 -9.45
C SER C 73 5.47 8.44 -8.23
N VAL C 74 5.52 7.57 -7.22
CA VAL C 74 6.39 7.77 -6.07
C VAL C 74 7.54 6.77 -6.18
N SER C 75 8.57 6.98 -5.37
CA SER C 75 9.77 6.15 -5.43
C SER C 75 10.26 5.83 -4.02
N LEU C 76 10.75 4.61 -3.84
CA LEU C 76 11.33 4.15 -2.59
C LEU C 76 12.84 4.05 -2.75
N THR C 77 13.58 4.74 -1.89
CA THR C 77 15.03 4.80 -1.95
C THR C 77 15.62 4.09 -0.75
N ILE C 78 16.59 3.20 -1.00
CA ILE C 78 17.23 2.41 0.05
C ILE C 78 18.72 2.69 -0.03
N SER C 79 19.21 3.55 0.87
CA SER C 79 20.64 3.84 0.95
C SER C 79 21.31 2.84 1.91
N GLY C 80 22.62 2.66 1.71
CA GLY C 80 23.37 1.71 2.50
C GLY C 80 22.81 0.31 2.40
N LEU C 81 22.87 -0.28 1.21
CA LEU C 81 22.23 -1.56 0.96
C LEU C 81 22.94 -2.68 1.72
N LYS C 82 22.15 -3.53 2.39
CA LYS C 82 22.65 -4.68 3.12
C LYS C 82 21.98 -5.94 2.58
N THR C 83 22.68 -7.07 2.73
CA THR C 83 22.18 -8.32 2.20
C THR C 83 20.89 -8.77 2.87
N GLU C 84 20.60 -8.28 4.07
CA GLU C 84 19.34 -8.60 4.73
C GLU C 84 18.14 -7.96 4.03
N ASP C 85 18.36 -6.87 3.29
CA ASP C 85 17.27 -6.20 2.58
C ASP C 85 16.89 -6.91 1.28
N GLU C 86 17.56 -8.00 0.94
CA GLU C 86 17.26 -8.74 -0.29
C GLU C 86 15.93 -9.46 -0.13
N ALA C 87 14.87 -8.87 -0.67
CA ALA C 87 13.53 -9.42 -0.56
C ALA C 87 12.66 -8.80 -1.64
N ASP C 88 11.35 -9.02 -1.55
CA ASP C 88 10.39 -8.45 -2.48
C ASP C 88 9.72 -7.23 -1.85
N TYR C 89 9.46 -6.22 -2.67
CA TYR C 89 8.86 -4.97 -2.23
C TYR C 89 7.62 -4.67 -3.04
N TYR C 90 6.56 -4.26 -2.36
CA TYR C 90 5.30 -3.89 -2.98
C TYR C 90 4.90 -2.48 -2.55
N CYS C 91 4.17 -1.78 -3.42
CA CYS C 91 3.59 -0.50 -3.10
C CYS C 91 2.08 -0.59 -3.12
N GLN C 92 1.44 0.15 -2.20
CA GLN C 92 -0.01 0.08 -2.02
C GLN C 92 -0.57 1.49 -1.90
N SER C 93 -1.76 1.69 -2.48
CA SER C 93 -2.43 2.97 -2.40
C SER C 93 -3.94 2.74 -2.36
N TYR C 94 -4.66 3.77 -1.95
CA TYR C 94 -6.11 3.75 -1.84
C TYR C 94 -6.69 4.91 -2.66
N ASP C 95 -7.69 4.61 -3.50
CA ASP C 95 -8.33 5.65 -4.32
C ASP C 95 -9.85 5.56 -4.12
N SER C 96 -10.31 6.13 -3.00
CA SER C 96 -11.69 6.50 -2.73
C SER C 96 -12.66 5.33 -2.64
N SER C 97 -12.26 4.15 -3.12
CA SER C 97 -13.03 2.94 -2.90
C SER C 97 -12.21 1.68 -2.66
N ASN C 98 -10.97 1.62 -3.15
CA ASN C 98 -10.23 0.37 -3.25
C ASN C 98 -8.83 0.53 -2.67
N TRP C 99 -8.34 -0.56 -2.09
CA TRP C 99 -6.93 -0.70 -1.74
C TRP C 99 -6.27 -1.54 -2.83
N VAL C 100 -5.24 -0.98 -3.47
CA VAL C 100 -4.61 -1.61 -4.63
C VAL C 100 -3.11 -1.72 -4.38
N PHE C 101 -2.59 -2.93 -4.52
CA PHE C 101 -1.16 -3.18 -4.43
C PHE C 101 -0.51 -3.12 -5.81
N GLY C 102 0.82 -3.07 -5.82
CA GLY C 102 1.58 -3.08 -7.05
C GLY C 102 1.93 -4.48 -7.51
N GLY C 103 2.67 -4.54 -8.62
CA GLY C 103 3.09 -5.82 -9.14
C GLY C 103 4.16 -6.48 -8.29
N GLY C 104 5.15 -5.71 -7.86
CA GLY C 104 6.25 -6.21 -7.06
C GLY C 104 7.59 -5.87 -7.67
N THR C 105 8.63 -6.06 -6.85
CA THR C 105 10.00 -5.77 -7.27
C THR C 105 10.93 -6.75 -6.58
N LYS C 106 11.71 -7.49 -7.38
CA LYS C 106 12.67 -8.46 -6.85
C LYS C 106 14.00 -7.76 -6.65
N LEU C 107 14.33 -7.46 -5.40
CA LEU C 107 15.61 -6.81 -5.07
C LEU C 107 16.68 -7.88 -4.87
N THR C 108 17.80 -7.72 -5.57
CA THR C 108 18.91 -8.66 -5.51
C THR C 108 20.18 -7.90 -5.13
N VAL C 109 20.84 -8.34 -4.06
CA VAL C 109 22.07 -7.72 -3.60
C VAL C 109 23.24 -8.44 -4.27
N LEU C 110 24.08 -7.68 -4.97
CA LEU C 110 25.17 -8.24 -5.73
C LEU C 110 26.37 -8.52 -4.84
N GLY C 111 27.39 -9.15 -5.41
CA GLY C 111 28.63 -9.42 -4.70
C GLY C 111 28.60 -10.65 -3.84
N GLN C 112 25.76 -10.98 -2.60
CA GLN C 112 25.93 -12.03 -1.61
C GLN C 112 27.08 -12.96 -1.97
N PRO C 113 27.87 -13.35 -0.98
CA PRO C 113 29.08 -14.16 -1.23
C PRO C 113 28.77 -15.46 -1.95
N LYS C 114 29.36 -15.60 -3.13
CA LYS C 114 29.22 -16.83 -3.91
C LYS C 114 30.14 -17.90 -3.36
N ALA C 115 29.67 -19.15 -3.39
CA ALA C 115 30.44 -20.27 -2.86
C ALA C 115 29.86 -21.57 -3.41
N ALA C 116 30.52 -22.68 -3.08
CA ALA C 116 30.09 -24.02 -3.46
C ALA C 116 29.05 -24.55 -2.47
N PRO C 117 28.19 -25.46 -2.90
CA PRO C 117 27.11 -25.96 -2.03
C PRO C 117 27.63 -27.01 -1.06
N SER C 118 26.69 -27.53 -0.27
CA SER C 118 26.96 -28.62 0.68
C SER C 118 26.00 -29.76 0.39
N VAL C 119 26.52 -30.98 0.37
CA VAL C 119 25.77 -32.16 -0.03
C VAL C 119 25.72 -33.15 1.13
N THR C 120 24.56 -33.78 1.30
CA THR C 120 24.37 -34.82 2.32
C THR C 120 23.50 -35.92 1.74
N LEU C 121 23.96 -37.17 1.86
CA LEU C 121 23.27 -38.32 1.31
C LEU C 121 22.89 -39.27 2.45
N PHE C 122 21.63 -39.72 2.45
CA PHE C 122 21.12 -40.58 3.49
C PHE C 122 20.96 -42.02 2.99
N PRO C 123 21.19 -43.00 3.85
CA PRO C 123 20.80 -44.38 3.51
C PRO C 123 19.34 -44.60 3.86
N PRO C 124 18.59 -45.30 2.98
CA PRO C 124 17.16 -45.50 3.24
C PRO C 124 16.93 -46.34 4.49
N SER C 125 15.86 -46.00 5.21
CA SER C 125 15.50 -46.72 6.41
C SER C 125 14.99 -48.12 6.07
N SER C 126 15.05 -49.02 7.06
CA SER C 126 14.62 -50.39 6.86
C SER C 126 13.10 -50.51 6.80
N GLU C 127 12.37 -49.62 7.48
CA GLU C 127 10.92 -49.69 7.44
C GLU C 127 10.37 -49.37 6.06
N GLU C 128 11.06 -48.52 5.30
CA GLU C 128 10.62 -48.24 3.94
C GLU C 128 10.88 -49.43 3.02
N LEU C 129 11.97 -50.16 3.25
CA LEU C 129 12.23 -51.37 2.48
C LEU C 129 11.13 -52.40 2.65
N GLN C 130 10.56 -52.48 3.86
CA GLN C 130 9.39 -53.31 4.12
C GLN C 130 8.09 -52.65 3.68
N ALA C 131 8.18 -51.52 2.97
CA ALA C 131 7.01 -50.81 2.45
C ALA C 131 7.05 -50.75 0.92
N ASN C 132 7.69 -51.75 0.30
CA ASN C 132 7.73 -51.91 -1.16
C ASN C 132 8.43 -50.75 -1.86
N LYS C 133 9.25 -49.98 -1.15
CA LYS C 133 9.89 -48.80 -1.73
C LYS C 133 11.30 -48.66 -1.16
N ALA C 134 12.05 -47.72 -1.73
CA ALA C 134 13.39 -47.41 -1.28
C ALA C 134 13.77 -46.04 -1.83
N THR C 135 14.26 -45.16 -0.96
CA THR C 135 14.53 -43.77 -1.33
C THR C 135 15.88 -43.32 -0.76
N LEU C 136 16.72 -42.75 -1.63
CA LEU C 136 17.97 -42.15 -1.23
C LEU C 136 17.82 -40.64 -1.34
N VAL C 137 17.89 -39.96 -0.20
CA VAL C 137 17.66 -38.51 -0.13
C VAL C 137 18.99 -37.79 -0.23
N CYS C 138 19.03 -36.72 -1.02
CA CYS C 138 20.22 -35.93 -1.24
C CYS C 138 19.87 -34.46 -1.03
N LEU C 139 20.40 -33.86 0.04
CA LEU C 139 20.08 -32.49 0.42
C LEU C 139 21.20 -31.56 -0.02
N ILE C 140 20.81 -30.43 -0.62
CA ILE C 140 21.74 -29.41 -1.09
C ILE C 140 21.33 -28.08 -0.47
N SER C 141 22.32 -27.30 -0.01
CA SER C 141 22.03 -26.04 0.64
C SER C 141 23.28 -25.17 0.65
N ASP C 142 23.10 -23.90 1.00
CA ASP C 142 24.17 -22.93 1.20
C ASP C 142 25.01 -22.76 -0.08
N PHE C 143 24.36 -22.24 -1.11
CA PHE C 143 25.04 -21.95 -2.36
C PHE C 143 24.36 -20.79 -3.07
N TYR C 144 25.16 -20.00 -3.78
CA TYR C 144 24.69 -18.92 -4.61
C TYR C 144 25.60 -18.82 -5.82
N PRO C 145 25.06 -18.64 -7.04
CA PRO C 145 23.63 -18.50 -7.38
C PRO C 145 22.84 -19.79 -7.20
N GLY C 146 21.51 -19.66 -7.16
CA GLY C 146 20.64 -20.81 -6.96
C GLY C 146 20.45 -21.65 -8.20
N ALA C 147 21.55 -21.99 -8.87
CA ALA C 147 21.52 -22.85 -10.04
C ALA C 147 22.43 -24.05 -9.79
N VAL C 148 21.90 -25.25 -10.00
CA VAL C 148 22.64 -26.47 -9.68
C VAL C 148 22.10 -27.59 -10.55
N THR C 149 23.00 -28.46 -10.99
CA THR C 149 22.65 -29.66 -11.76
C THR C 149 23.07 -30.89 -10.97
N VAL C 150 22.19 -31.88 -10.92
CA VAL C 150 22.39 -33.07 -10.11
C VAL C 150 22.55 -34.28 -11.02
N ALA C 151 23.25 -35.29 -10.50
CA ALA C 151 23.44 -36.54 -11.21
C ALA C 151 23.53 -37.68 -10.21
N TRP C 152 23.06 -38.85 -10.63
CA TRP C 152 23.07 -40.05 -9.81
C TRP C 152 23.76 -41.17 -10.58
N LYS C 153 24.27 -42.15 -9.83
CA LYS C 153 24.97 -43.28 -10.42
C LYS C 153 24.67 -44.54 -9.61
N ALA C 154 25.18 -45.67 -10.11
CA ALA C 154 25.02 -46.96 -9.44
C ALA C 154 26.16 -47.85 -9.87
N ASP C 155 27.07 -48.16 -8.94
CA ASP C 155 28.26 -48.97 -9.23
C ASP C 155 29.10 -48.32 -10.33
N SER C 156 29.33 -47.00 -10.17
CA SER C 156 30.14 -46.15 -11.04
C SER C 156 29.51 -45.88 -12.41
N SER C 157 28.33 -46.40 -12.69
CA SER C 157 27.70 -46.25 -13.99
C SER C 157 26.44 -45.38 -13.88
N PRO C 158 26.05 -44.68 -14.97
CA PRO C 158 24.86 -43.81 -14.88
C PRO C 158 23.56 -44.57 -14.72
N VAL C 159 22.91 -44.44 -13.57
CA VAL C 159 21.57 -44.98 -13.33
C VAL C 159 20.78 -43.89 -12.60
N LYS C 160 19.84 -43.26 -13.31
CA LYS C 160 19.07 -42.15 -12.75
C LYS C 160 17.57 -42.30 -12.97
N ALA C 161 17.08 -43.52 -13.16
CA ALA C 161 15.65 -43.73 -13.34
C ALA C 161 14.93 -43.59 -12.00
N GLY C 162 13.80 -42.89 -12.02
CA GLY C 162 13.04 -42.65 -10.81
C GLY C 162 13.72 -41.68 -9.86
N VAL C 163 13.80 -40.42 -10.25
CA VAL C 163 14.49 -39.39 -9.48
C VAL C 163 13.56 -38.19 -9.33
N GLU C 164 13.41 -37.70 -8.10
CA GLU C 164 12.64 -36.50 -7.80
C GLU C 164 13.57 -35.40 -7.34
N THR C 165 13.36 -34.19 -7.86
CA THR C 165 14.19 -33.05 -7.53
C THR C 165 13.37 -31.77 -7.59
N THR C 166 13.56 -30.92 -6.58
CA THR C 166 12.86 -29.63 -6.50
C THR C 166 13.81 -28.51 -6.88
N THR C 167 13.32 -27.58 -7.70
CA THR C 167 14.13 -26.44 -8.12
C THR C 167 14.55 -25.62 -6.90
N PRO C 168 15.75 -25.03 -6.94
CA PRO C 168 16.25 -24.31 -5.76
C PRO C 168 15.44 -23.06 -5.46
N SER C 169 15.20 -22.82 -4.17
CA SER C 169 14.56 -21.62 -3.68
C SER C 169 15.36 -21.08 -2.50
N LYS C 170 15.01 -19.86 -2.08
CA LYS C 170 15.75 -19.21 -1.01
C LYS C 170 15.33 -19.74 0.35
N GLN C 171 16.31 -19.99 1.21
CA GLN C 171 16.05 -20.48 2.55
C GLN C 171 16.03 -19.30 3.53
N SER C 172 15.98 -19.60 4.83
CA SER C 172 15.91 -18.57 5.86
C SER C 172 17.22 -17.83 6.08
N ASN C 173 18.28 -18.19 5.36
CA ASN C 173 19.59 -17.57 5.51
C ASN C 173 19.92 -16.62 4.36
N ASN C 174 18.91 -16.18 3.61
CA ASN C 174 19.06 -15.41 2.38
C ASN C 174 19.85 -16.15 1.31
N LYS C 175 20.11 -17.43 1.51
CA LYS C 175 20.83 -18.28 0.59
C LYS C 175 19.87 -19.28 -0.06
N TYR C 176 20.39 -20.15 -0.89
CA TYR C 176 19.58 -21.10 -1.64
C TYR C 176 19.80 -22.52 -1.14
N ALA C 177 18.82 -23.38 -1.42
CA ALA C 177 18.86 -24.77 -1.00
C ALA C 177 17.91 -25.56 -1.89
N ALA C 178 18.09 -26.88 -1.89
CA ALA C 178 17.27 -27.78 -2.70
C ALA C 178 17.37 -29.19 -2.12
N SER C 179 16.75 -30.13 -2.81
CA SER C 179 16.77 -31.52 -2.39
C SER C 179 16.48 -32.42 -3.58
N SER C 180 17.18 -33.54 -3.65
CA SER C 180 17.00 -34.52 -4.71
C SER C 180 16.76 -35.89 -4.10
N TYR C 181 16.00 -36.72 -4.82
CA TYR C 181 15.62 -38.04 -4.34
C TYR C 181 15.95 -39.08 -5.40
N LEU C 182 15.82 -40.35 -5.01
CA LEU C 182 16.06 -41.47 -5.92
C LEU C 182 15.11 -42.60 -5.54
N SER C 183 14.29 -43.03 -6.48
CA SER C 183 13.27 -44.05 -6.22
C SER C 183 13.81 -45.43 -6.56
N LEU C 184 13.72 -46.35 -5.60
CA LEU C 184 14.15 -47.73 -5.79
C LEU C 184 13.20 -48.66 -5.05
N THR C 185 13.42 -49.95 -5.23
CA THR C 185 12.73 -51.01 -4.51
C THR C 185 13.70 -51.65 -3.52
N PRO C 186 13.21 -52.42 -2.54
CA PRO C 186 14.13 -53.07 -1.61
C PRO C 186 15.09 -54.04 -2.28
N GLU C 187 14.64 -54.75 -3.31
CA GLU C 187 15.49 -55.73 -3.97
C GLU C 187 16.61 -55.06 -4.75
N GLN C 188 16.28 -54.01 -5.53
CA GLN C 188 17.28 -53.32 -6.33
C GLN C 188 18.12 -52.34 -5.51
N TRP C 189 17.75 -52.08 -4.25
CA TRP C 189 18.57 -51.22 -3.40
C TRP C 189 19.80 -51.95 -2.89
N LYS C 190 19.63 -53.19 -2.42
CA LYS C 190 20.75 -53.98 -1.91
C LYS C 190 21.45 -54.78 -2.99
N SER C 191 20.87 -54.90 -4.19
CA SER C 191 21.51 -55.67 -5.24
C SER C 191 22.73 -54.96 -5.81
N HIS C 192 22.77 -53.64 -5.73
CA HIS C 192 23.90 -52.85 -6.20
C HIS C 192 24.83 -52.51 -5.05
N ARG C 193 26.12 -52.33 -5.37
CA ARG C 193 27.12 -52.06 -4.35
C ARG C 193 26.83 -50.76 -3.63
N SER C 194 26.63 -49.68 -4.38
CA SER C 194 26.36 -48.37 -3.79
C SER C 194 25.80 -47.45 -4.87
N TYR C 195 25.29 -46.31 -4.43
CA TYR C 195 24.75 -45.28 -5.31
C TYR C 195 25.43 -43.95 -4.99
N SER C 196 25.27 -42.99 -5.90
CA SER C 196 25.95 -41.71 -5.78
C SER C 196 24.99 -40.57 -6.10
N CYS C 197 25.29 -39.40 -5.55
CA CYS C 197 24.54 -38.17 -5.81
C CYS C 197 25.55 -37.08 -6.15
N GLN C 198 25.76 -36.84 -7.45
CA GLN C 198 26.71 -35.84 -7.90
C GLN C 198 26.04 -34.49 -8.02
N VAL C 199 26.68 -33.45 -7.50
CA VAL C 199 26.13 -32.10 -7.46
C VAL C 199 27.13 -31.16 -8.12
N THR C 200 26.70 -30.51 -9.19
CA THR C 200 27.54 -29.58 -9.95
C THR C 200 27.01 -28.17 -9.77
N HIS C 201 27.89 -27.24 -9.41
CA HIS C 201 27.53 -25.84 -9.19
C HIS C 201 28.63 -24.97 -9.78
N GLU C 202 28.30 -24.26 -10.86
CA GLU C 202 29.25 -23.40 -11.57
C GLU C 202 30.49 -24.17 -12.01
N GLY C 203 30.29 -25.42 -12.41
CA GLY C 203 31.37 -26.28 -12.85
C GLY C 203 32.03 -27.09 -11.75
N SER C 204 31.83 -26.72 -10.49
CA SER C 204 32.43 -27.45 -9.37
C SER C 204 31.51 -28.60 -8.98
N THR C 205 32.09 -29.79 -8.84
CA THR C 205 31.33 -31.01 -8.59
C THR C 205 31.69 -31.58 -7.24
N VAL C 206 30.69 -32.12 -6.55
CA VAL C 206 30.87 -32.79 -5.26
C VAL C 206 29.81 -33.89 -5.14
N GLU C 207 30.24 -35.11 -4.84
CA GLU C 207 29.35 -36.25 -4.78
C GLU C 207 29.46 -36.93 -3.43
N LYS C 208 28.46 -37.76 -3.12
CA LYS C 208 28.42 -38.58 -1.92
C LYS C 208 27.98 -39.99 -2.30
N THR C 209 28.35 -40.95 -1.45
CA THR C 209 28.09 -42.36 -1.72
C THR C 209 27.70 -43.06 -0.44
N VAL C 210 26.62 -43.86 -0.50
CA VAL C 210 26.14 -44.63 0.64
C VAL C 210 25.96 -46.08 0.20
N ALA C 211 26.11 -46.98 1.15
CA ALA C 211 26.00 -48.42 0.94
C ALA C 211 24.84 -48.97 1.77
N PRO C 212 24.35 -50.18 1.44
CA PRO C 212 23.29 -50.80 2.26
C PRO C 212 23.66 -50.92 3.73
N THR C 213 24.78 -51.56 4.01
CA THR C 213 25.24 -51.69 5.39
C THR C 213 26.22 -50.59 5.79
N GLU C 214 27.13 -50.21 4.91
CA GLU C 214 28.10 -49.17 5.19
C GLU C 214 27.68 -47.84 4.57
C1 NAG D . -23.37 15.84 6.82
C2 NAG D . -22.93 15.47 8.24
C3 NAG D . -22.84 13.94 8.39
C4 NAG D . -24.14 13.28 7.95
C5 NAG D . -24.48 13.73 6.53
C6 NAG D . -25.81 13.19 6.04
C7 NAG D . -20.51 15.89 7.96
C8 NAG D . -19.33 16.64 8.49
N2 NAG D . -21.67 16.09 8.60
O3 NAG D . -22.57 13.62 9.75
O4 NAG D . -23.99 11.86 7.97
O5 NAG D . -24.59 15.16 6.49
O6 NAG D . -26.87 13.53 6.92
O7 NAG D . -20.42 15.13 7.01
C1 NAG D . -24.84 11.35 9.03
C2 NAG D . -25.34 9.97 8.62
C3 NAG D . -26.21 9.38 9.74
C4 NAG D . -25.47 9.40 11.06
C5 NAG D . -24.94 10.81 11.36
C6 NAG D . -24.08 10.86 12.60
C7 NAG D . -25.55 9.62 6.20
C8 NAG D . -26.43 9.74 5.00
N2 NAG D . -26.08 10.01 7.37
O3 NAG D . -26.59 8.06 9.40
O4 NAG D . -26.33 9.00 12.11
O5 NAG D . -24.13 11.27 10.27
O6 NAG D . -22.83 10.19 12.39
O7 NAG D . -24.39 9.19 6.12
#